data_8VCN
#
_entry.id   8VCN
#
_cell.length_a   54.887
_cell.length_b   90.914
_cell.length_c   74.872
_cell.angle_alpha   90.000
_cell.angle_beta   110.131
_cell.angle_gamma   90.000
#
_symmetry.space_group_name_H-M   'C 1 2 1'
#
loop_
_entity.id
_entity.type
_entity.pdbx_description
1 polymer 'N-ethylmaleimide reductase'
2 non-polymer 'ACETATE ION'
3 non-polymer GLYCEROL
4 non-polymer 'FLAVIN MONONUCLEOTIDE'
5 water water
#
_entity_poly.entity_id   1
_entity_poly.type   'polypeptide(L)'
_entity_poly.pdbx_seq_one_letter_code
;MHHHHHHPTLFDPIDFGPIHAKNRIVMSPLTRGRADKEAVPEPIMAEYYAQRASAGLIITEATGISREGLGFPYAPGIWS
DAQVEAWKPIVAGVHAKGGKIVCQLWHMGRMVHSSVTGTQPVSSSATTAPGEVHTYEGKKPFEQARAIDAADISRILNDY
ENAARNAIRAGFDGVQIHAANGYLIDEFLRNGTNHRTDEYGGVPENRIRFLKEVTERVIAAIGADRTGVRLSPNGDTQGC
IDSAPETVFVPAAKLLQDLGVAWLELRELGPNGTYGKTDQPKLSPQIRKVFLRPLVLNTDYTFEAAQTALAEGKADAIAF
GRKFISNPDLPERFARGIALQPDDMKTWYSQGPEGYTDYPSATSGPN
;
_entity_poly.pdbx_strand_id   A
#
loop_
_chem_comp.id
_chem_comp.type
_chem_comp.name
_chem_comp.formula
ACT non-polymer 'ACETATE ION' 'C2 H3 O2 -1'
FMN non-polymer 'FLAVIN MONONUCLEOTIDE' 'C17 H21 N4 O9 P'
GOL non-polymer GLYCEROL 'C3 H8 O3'
#
# COMPACT_ATOMS: atom_id res chain seq x y z
N HIS A 7 24.67 -7.46 1.26
CA HIS A 7 25.19 -8.79 1.57
C HIS A 7 24.12 -9.85 1.87
N PRO A 8 23.15 -9.56 2.75
CA PRO A 8 22.06 -10.54 2.96
C PRO A 8 21.37 -10.86 1.64
N THR A 9 20.95 -12.11 1.50
CA THR A 9 20.22 -12.52 0.32
C THR A 9 18.72 -12.41 0.58
N LEU A 10 17.93 -12.67 -0.46
CA LEU A 10 16.48 -12.65 -0.31
C LEU A 10 15.97 -13.68 0.68
N PHE A 11 16.76 -14.70 0.99
CA PHE A 11 16.31 -15.74 1.90
C PHE A 11 16.73 -15.50 3.35
N ASP A 12 17.48 -14.43 3.61
CA ASP A 12 17.91 -14.13 4.97
C ASP A 12 16.84 -13.31 5.68
N PRO A 13 16.72 -13.48 7.00
CA PRO A 13 15.70 -12.73 7.74
C PRO A 13 16.00 -11.25 7.76
N ILE A 14 14.97 -10.49 8.09
CA ILE A 14 15.08 -9.04 8.25
C ILE A 14 14.09 -8.61 9.32
N ASP A 15 14.44 -7.56 10.04
CA ASP A 15 13.56 -6.95 11.02
C ASP A 15 12.93 -5.68 10.43
N PHE A 16 11.60 -5.65 10.38
CA PHE A 16 10.85 -4.42 10.07
C PHE A 16 10.33 -3.93 11.42
N GLY A 17 11.08 -3.05 12.07
CA GLY A 17 10.79 -2.73 13.44
C GLY A 17 10.82 -4.00 14.27
N PRO A 18 9.74 -4.27 15.02
CA PRO A 18 9.68 -5.49 15.84
C PRO A 18 9.24 -6.72 15.08
N ILE A 19 8.96 -6.60 13.78
CA ILE A 19 8.46 -7.71 12.98
C ILE A 19 9.68 -8.50 12.49
N HIS A 20 9.84 -9.72 13.00
CA HIS A 20 10.96 -10.57 12.61
C HIS A 20 10.52 -11.40 11.42
N ALA A 21 10.82 -10.90 10.21
CA ALA A 21 10.47 -11.58 8.98
C ALA A 21 11.51 -12.65 8.67
N LYS A 22 11.03 -13.83 8.25
CA LYS A 22 11.93 -14.96 8.01
CA LYS A 22 11.92 -14.97 8.01
C LYS A 22 12.72 -14.84 6.71
N ASN A 23 12.29 -13.97 5.80
CA ASN A 23 13.01 -13.75 4.55
C ASN A 23 12.67 -12.34 4.07
N ARG A 24 13.29 -11.94 2.95
CA ARG A 24 13.15 -10.61 2.38
C ARG A 24 12.32 -10.62 1.10
N ILE A 25 11.45 -11.62 0.96
CA ILE A 25 10.55 -11.77 -0.18
C ILE A 25 9.17 -11.36 0.33
N VAL A 26 8.77 -10.13 0.04
CA VAL A 26 7.59 -9.51 0.62
C VAL A 26 6.44 -9.65 -0.35
N MET A 27 5.24 -9.90 0.15
CA MET A 27 4.04 -9.86 -0.67
C MET A 27 3.51 -8.43 -0.69
N SER A 28 3.54 -7.81 -1.86
CA SER A 28 3.12 -6.43 -1.98
C SER A 28 1.60 -6.31 -1.82
N PRO A 29 1.10 -5.11 -1.50
CA PRO A 29 -0.34 -4.93 -1.28
C PRO A 29 -1.12 -5.10 -2.58
N LEU A 30 -2.18 -5.90 -2.54
CA LEU A 30 -2.97 -6.22 -3.73
C LEU A 30 -4.45 -6.19 -3.42
N THR A 31 -5.15 -5.16 -3.92
CA THR A 31 -6.59 -5.11 -3.85
C THR A 31 -7.19 -6.25 -4.67
N ARG A 32 -8.09 -7.02 -4.06
CA ARG A 32 -8.69 -8.17 -4.74
C ARG A 32 -10.21 -8.17 -4.73
N GLY A 33 -10.86 -7.36 -3.90
CA GLY A 33 -12.31 -7.27 -3.95
C GLY A 33 -13.03 -8.53 -3.49
N ARG A 34 -12.50 -9.22 -2.48
CA ARG A 34 -13.14 -10.41 -1.92
C ARG A 34 -13.75 -10.15 -0.54
N ALA A 35 -13.99 -8.89 -0.17
CA ALA A 35 -14.74 -8.56 1.03
C ALA A 35 -16.21 -8.34 0.67
N ASP A 36 -17.03 -7.98 1.64
CA ASP A 36 -18.45 -7.79 1.39
C ASP A 36 -18.79 -6.33 1.12
N LYS A 37 -20.08 -6.05 0.89
CA LYS A 37 -20.52 -4.71 0.54
C LYS A 37 -20.47 -3.75 1.72
N GLU A 38 -20.33 -4.26 2.94
CA GLU A 38 -20.12 -3.43 4.11
C GLU A 38 -18.64 -3.24 4.42
N ALA A 39 -17.77 -3.66 3.51
CA ALA A 39 -16.33 -3.61 3.69
C ALA A 39 -15.85 -4.49 4.84
N VAL A 40 -16.63 -5.50 5.17
CA VAL A 40 -16.24 -6.47 6.19
C VAL A 40 -15.55 -7.63 5.49
N PRO A 41 -14.32 -7.99 5.89
CA PRO A 41 -13.66 -9.15 5.29
C PRO A 41 -14.53 -10.40 5.35
N GLU A 42 -14.40 -11.20 4.32
CA GLU A 42 -15.09 -12.48 4.17
C GLU A 42 -14.16 -13.62 4.52
N PRO A 43 -14.69 -14.75 4.98
CA PRO A 43 -13.81 -15.84 5.45
C PRO A 43 -12.86 -16.38 4.40
N ILE A 44 -13.17 -16.26 3.11
CA ILE A 44 -12.27 -16.73 2.07
C ILE A 44 -10.93 -15.99 2.15
N MET A 45 -10.95 -14.75 2.65
CA MET A 45 -9.70 -13.99 2.75
C MET A 45 -8.73 -14.63 3.72
N ALA A 46 -9.24 -15.37 4.72
CA ALA A 46 -8.34 -16.07 5.63
C ALA A 46 -7.53 -17.13 4.90
N GLU A 47 -8.19 -17.91 4.03
CA GLU A 47 -7.48 -18.93 3.27
C GLU A 47 -6.46 -18.30 2.32
N TYR A 48 -6.87 -17.23 1.63
CA TYR A 48 -5.97 -16.55 0.70
C TYR A 48 -4.67 -16.13 1.37
N TYR A 49 -4.76 -15.43 2.51
CA TYR A 49 -3.55 -14.96 3.16
C TYR A 49 -2.77 -16.10 3.80
N ALA A 50 -3.46 -17.10 4.36
CA ALA A 50 -2.76 -18.23 4.94
C ALA A 50 -1.94 -18.99 3.89
N GLN A 51 -2.46 -19.08 2.66
CA GLN A 51 -1.74 -19.75 1.57
C GLN A 51 -0.42 -19.07 1.25
N ARG A 52 -0.30 -17.79 1.56
CA ARG A 52 0.84 -16.95 1.20
C ARG A 52 1.72 -16.62 2.39
N ALA A 53 1.53 -17.30 3.51
CA ALA A 53 2.24 -16.96 4.75
C ALA A 53 3.72 -17.30 4.73
N SER A 54 4.24 -17.98 3.70
CA SER A 54 5.69 -18.14 3.63
C SER A 54 6.41 -16.88 3.17
N ALA A 55 5.68 -15.88 2.67
CA ALA A 55 6.27 -14.57 2.48
C ALA A 55 6.91 -14.11 3.80
N GLY A 56 8.05 -13.46 3.70
CA GLY A 56 8.65 -12.92 4.91
C GLY A 56 7.71 -11.95 5.58
N LEU A 57 7.04 -11.12 4.79
CA LEU A 57 6.04 -10.19 5.29
C LEU A 57 4.94 -10.10 4.23
N ILE A 58 3.69 -10.15 4.68
CA ILE A 58 2.54 -9.85 3.83
C ILE A 58 2.08 -8.43 4.13
N ILE A 59 1.99 -7.60 3.10
CA ILE A 59 1.29 -6.32 3.19
C ILE A 59 -0.10 -6.57 2.63
N THR A 60 -1.15 -6.28 3.41
CA THR A 60 -2.48 -6.58 2.92
C THR A 60 -2.84 -5.69 1.73
N GLU A 61 -3.86 -6.15 1.00
CA GLU A 61 -4.67 -5.25 0.19
C GLU A 61 -4.93 -3.94 0.90
N ALA A 62 -5.05 -2.87 0.11
CA ALA A 62 -5.38 -1.58 0.67
C ALA A 62 -6.72 -1.68 1.42
N THR A 63 -6.75 -1.11 2.62
CA THR A 63 -7.87 -1.30 3.54
C THR A 63 -8.38 0.07 3.98
N GLY A 64 -9.66 0.34 3.72
CA GLY A 64 -10.18 1.68 3.93
C GLY A 64 -10.17 2.10 5.39
N ILE A 65 -9.78 3.36 5.63
CA ILE A 65 -9.84 3.93 6.97
C ILE A 65 -11.21 4.54 7.26
N SER A 66 -12.05 4.71 6.25
CA SER A 66 -13.36 5.32 6.43
C SER A 66 -14.16 5.05 5.16
N ARG A 67 -15.49 5.20 5.27
CA ARG A 67 -16.31 5.09 4.06
C ARG A 67 -16.02 6.22 3.09
N GLU A 68 -15.76 7.43 3.61
CA GLU A 68 -15.41 8.56 2.76
C GLU A 68 -14.21 8.25 1.87
N GLY A 69 -13.24 7.53 2.40
CA GLY A 69 -12.03 7.19 1.68
C GLY A 69 -12.02 5.84 1.02
N LEU A 70 -13.14 5.13 1.00
CA LEU A 70 -13.20 3.78 0.42
C LEU A 70 -14.30 3.72 -0.62
N GLY A 71 -13.91 3.80 -1.89
CA GLY A 71 -14.87 3.69 -2.98
C GLY A 71 -14.75 2.40 -3.76
N PHE A 72 -13.76 1.59 -3.44
CA PHE A 72 -13.51 0.40 -4.27
C PHE A 72 -14.50 -0.70 -3.93
N PRO A 73 -15.28 -1.19 -4.89
CA PRO A 73 -16.31 -2.19 -4.56
C PRO A 73 -15.69 -3.45 -3.99
N TYR A 74 -16.25 -3.92 -2.87
CA TYR A 74 -15.88 -5.17 -2.22
C TYR A 74 -14.49 -5.14 -1.61
N ALA A 75 -13.91 -3.95 -1.42
CA ALA A 75 -12.67 -3.87 -0.66
C ALA A 75 -12.99 -3.79 0.83
N PRO A 76 -12.08 -4.25 1.69
CA PRO A 76 -12.34 -4.22 3.13
C PRO A 76 -11.97 -2.87 3.74
N GLY A 77 -12.51 -2.63 4.93
CA GLY A 77 -12.15 -1.50 5.75
C GLY A 77 -11.68 -1.96 7.12
N ILE A 78 -11.27 -1.00 7.93
CA ILE A 78 -10.86 -1.34 9.29
C ILE A 78 -11.25 -0.25 10.28
N TRP A 79 -12.34 0.46 9.98
CA TRP A 79 -12.80 1.49 10.89
C TRP A 79 -13.76 1.00 11.96
N SER A 80 -14.40 -0.17 11.75
CA SER A 80 -15.48 -0.62 12.63
C SER A 80 -15.10 -1.86 13.44
N ASP A 81 -15.84 -2.06 14.53
N ASP A 81 -15.84 -2.05 14.53
CA ASP A 81 -15.60 -3.25 15.35
CA ASP A 81 -15.64 -3.24 15.35
C ASP A 81 -15.94 -4.52 14.59
C ASP A 81 -15.92 -4.50 14.56
N ALA A 82 -16.95 -4.48 13.71
CA ALA A 82 -17.28 -5.66 12.93
C ALA A 82 -16.15 -6.01 11.97
N GLN A 83 -15.51 -5.00 11.41
CA GLN A 83 -14.36 -5.24 10.52
C GLN A 83 -13.17 -5.80 11.30
N VAL A 84 -12.89 -5.23 12.48
CA VAL A 84 -11.81 -5.75 13.32
C VAL A 84 -12.05 -7.22 13.65
N GLU A 85 -13.28 -7.55 14.05
CA GLU A 85 -13.59 -8.94 14.41
C GLU A 85 -13.42 -9.88 13.23
N ALA A 86 -13.77 -9.42 12.02
CA ALA A 86 -13.59 -10.26 10.84
C ALA A 86 -12.12 -10.40 10.45
N TRP A 87 -11.32 -9.35 10.67
CA TRP A 87 -9.89 -9.46 10.37
C TRP A 87 -9.16 -10.40 11.34
N LYS A 88 -9.63 -10.53 12.58
CA LYS A 88 -8.91 -11.30 13.58
C LYS A 88 -8.56 -12.72 13.12
N PRO A 89 -9.50 -13.56 12.65
CA PRO A 89 -9.10 -14.90 12.23
C PRO A 89 -8.24 -14.92 10.99
N ILE A 90 -8.36 -13.92 10.11
CA ILE A 90 -7.49 -13.83 8.95
C ILE A 90 -6.04 -13.66 9.40
N VAL A 91 -5.81 -12.72 10.31
CA VAL A 91 -4.47 -12.47 10.83
C VAL A 91 -3.98 -13.66 11.63
N ALA A 92 -4.85 -14.26 12.45
CA ALA A 92 -4.45 -15.38 13.28
C ALA A 92 -4.00 -16.56 12.43
N GLY A 93 -4.64 -16.78 11.28
CA GLY A 93 -4.27 -17.90 10.43
C GLY A 93 -2.89 -17.73 9.83
N VAL A 94 -2.52 -16.48 9.51
CA VAL A 94 -1.17 -16.20 9.05
C VAL A 94 -0.16 -16.47 10.15
N HIS A 95 -0.44 -15.98 11.36
CA HIS A 95 0.46 -16.17 12.47
C HIS A 95 0.58 -17.65 12.85
N ALA A 96 -0.50 -18.42 12.68
CA ALA A 96 -0.44 -19.85 12.98
C ALA A 96 0.56 -20.57 12.08
N LYS A 97 0.81 -20.03 10.88
CA LYS A 97 1.79 -20.60 9.97
C LYS A 97 3.16 -19.94 10.07
N GLY A 98 3.38 -19.12 11.10
CA GLY A 98 4.65 -18.48 11.29
C GLY A 98 4.87 -17.24 10.45
N GLY A 99 3.82 -16.74 9.79
CA GLY A 99 3.94 -15.57 8.96
C GLY A 99 3.81 -14.28 9.74
N LYS A 100 4.01 -13.17 9.01
CA LYS A 100 3.86 -11.83 9.55
C LYS A 100 3.06 -11.00 8.56
N ILE A 101 2.23 -10.09 9.07
CA ILE A 101 1.27 -9.39 8.21
C ILE A 101 1.00 -7.99 8.74
N VAL A 102 1.01 -7.01 7.84
CA VAL A 102 0.71 -5.62 8.17
C VAL A 102 -0.46 -5.15 7.32
N CYS A 103 -1.23 -4.22 7.88
CA CYS A 103 -2.41 -3.68 7.21
C CYS A 103 -2.07 -2.38 6.48
N GLN A 104 -2.34 -2.35 5.17
CA GLN A 104 -2.13 -1.13 4.40
C GLN A 104 -3.36 -0.23 4.56
N LEU A 105 -3.15 0.95 5.16
CA LEU A 105 -4.24 1.85 5.51
C LEU A 105 -4.50 2.80 4.34
N TRP A 106 -5.75 2.86 3.89
CA TRP A 106 -6.12 3.50 2.62
C TRP A 106 -7.11 4.64 2.83
N HIS A 107 -6.78 5.82 2.29
CA HIS A 107 -7.80 6.81 1.95
C HIS A 107 -7.64 7.11 0.46
N MET A 108 -8.69 6.85 -0.31
CA MET A 108 -8.62 6.92 -1.77
C MET A 108 -8.71 8.32 -2.33
N GLY A 109 -9.06 9.32 -1.52
CA GLY A 109 -9.06 10.69 -2.03
C GLY A 109 -10.02 10.84 -3.19
N ARG A 110 -9.55 11.49 -4.25
CA ARG A 110 -10.42 11.76 -5.39
C ARG A 110 -10.77 10.50 -6.20
N MET A 111 -10.20 9.34 -5.88
CA MET A 111 -10.35 8.15 -6.70
C MET A 111 -11.61 7.35 -6.37
N VAL A 112 -12.62 7.97 -5.79
CA VAL A 112 -13.84 7.29 -5.38
C VAL A 112 -14.99 7.87 -6.17
N HIS A 113 -16.13 7.17 -6.13
CA HIS A 113 -17.37 7.69 -6.67
C HIS A 113 -18.38 7.85 -5.55
N SER A 114 -19.14 8.95 -5.58
CA SER A 114 -20.05 9.25 -4.49
C SER A 114 -21.15 8.21 -4.35
N SER A 115 -21.43 7.43 -5.40
CA SER A 115 -22.45 6.39 -5.30
C SER A 115 -22.01 5.25 -4.41
N VAL A 116 -20.72 5.11 -4.14
CA VAL A 116 -20.20 4.12 -3.21
C VAL A 116 -19.99 4.72 -1.83
N THR A 117 -19.35 5.90 -1.76
CA THR A 117 -19.02 6.48 -0.47
C THR A 117 -20.17 7.25 0.16
N GLY A 118 -21.13 7.72 -0.65
CA GLY A 118 -22.17 8.59 -0.15
C GLY A 118 -21.77 10.04 0.01
N THR A 119 -20.54 10.40 -0.33
CA THR A 119 -20.09 11.79 -0.27
C THR A 119 -19.29 12.11 -1.52
N GLN A 120 -19.17 13.41 -1.79
CA GLN A 120 -18.33 13.86 -2.88
C GLN A 120 -16.90 13.41 -2.64
N PRO A 121 -16.15 13.07 -3.69
CA PRO A 121 -14.73 12.74 -3.50
C PRO A 121 -13.99 13.92 -2.89
N VAL A 122 -13.02 13.62 -2.03
CA VAL A 122 -12.23 14.66 -1.37
C VAL A 122 -10.78 14.55 -1.80
N SER A 123 -10.07 15.69 -1.81
CA SER A 123 -8.70 15.71 -2.29
C SER A 123 -7.99 16.93 -1.74
N SER A 124 -6.72 17.08 -2.14
CA SER A 124 -5.98 18.30 -1.85
C SER A 124 -6.62 19.50 -2.55
N SER A 125 -7.04 19.32 -3.80
CA SER A 125 -7.62 20.40 -4.60
C SER A 125 -8.86 19.88 -5.33
N ALA A 126 -9.62 20.81 -5.91
CA ALA A 126 -10.88 20.47 -6.55
C ALA A 126 -10.62 20.02 -8.00
N THR A 127 -10.02 18.83 -8.10
CA THR A 127 -9.63 18.27 -9.39
C THR A 127 -10.48 17.05 -9.72
N THR A 128 -10.34 16.57 -10.95
CA THR A 128 -11.05 15.38 -11.40
C THR A 128 -10.04 14.39 -11.96
N ALA A 129 -10.06 13.16 -11.46
CA ALA A 129 -9.20 12.13 -11.99
C ALA A 129 -9.61 11.83 -13.43
N PRO A 130 -8.66 11.45 -14.28
CA PRO A 130 -9.02 11.17 -15.68
C PRO A 130 -9.75 9.85 -15.82
N GLY A 131 -10.72 9.84 -16.73
CA GLY A 131 -11.39 8.60 -17.10
C GLY A 131 -12.62 8.25 -16.29
N GLU A 132 -12.79 6.95 -16.06
CA GLU A 132 -13.97 6.43 -15.39
CA GLU A 132 -13.98 6.39 -15.42
C GLU A 132 -13.55 5.51 -14.26
N VAL A 133 -14.45 5.39 -13.27
CA VAL A 133 -14.18 4.68 -12.03
C VAL A 133 -15.05 3.44 -11.93
N HIS A 134 -14.47 2.35 -11.41
CA HIS A 134 -15.15 1.08 -11.16
C HIS A 134 -16.06 1.22 -9.94
N THR A 135 -17.38 1.09 -10.14
CA THR A 135 -18.36 1.12 -9.05
C THR A 135 -19.13 -0.20 -9.02
N TYR A 136 -20.08 -0.31 -8.09
CA TYR A 136 -20.90 -1.50 -8.02
C TYR A 136 -21.84 -1.63 -9.20
N GLU A 137 -22.17 -0.52 -9.86
CA GLU A 137 -23.02 -0.53 -11.05
C GLU A 137 -22.22 -0.50 -12.34
N GLY A 138 -20.91 -0.68 -12.28
CA GLY A 138 -20.08 -0.54 -13.45
C GLY A 138 -19.36 0.79 -13.45
N LYS A 139 -18.87 1.15 -14.63
CA LYS A 139 -17.98 2.30 -14.73
C LYS A 139 -18.77 3.60 -14.87
N LYS A 140 -18.32 4.62 -14.15
CA LYS A 140 -18.91 5.95 -14.17
C LYS A 140 -17.80 6.97 -14.34
N PRO A 141 -18.08 8.09 -15.01
CA PRO A 141 -17.08 9.17 -15.09
C PRO A 141 -16.74 9.67 -13.70
N PHE A 142 -15.46 9.98 -13.48
CA PHE A 142 -15.07 10.57 -12.20
C PHE A 142 -15.76 11.90 -11.98
N GLU A 143 -16.08 12.18 -10.72
CA GLU A 143 -16.64 13.45 -10.32
C GLU A 143 -15.53 14.36 -9.82
N GLN A 144 -15.76 15.67 -9.91
CA GLN A 144 -14.78 16.61 -9.38
C GLN A 144 -14.73 16.50 -7.86
N ALA A 145 -13.53 16.39 -7.32
CA ALA A 145 -13.37 16.36 -5.87
C ALA A 145 -13.54 17.76 -5.29
N ARG A 146 -13.67 17.81 -3.97
CA ARG A 146 -13.62 19.05 -3.22
C ARG A 146 -12.31 19.09 -2.42
N ALA A 147 -11.74 20.28 -2.29
CA ALA A 147 -10.51 20.46 -1.54
C ALA A 147 -10.80 20.43 -0.05
N ILE A 148 -10.11 19.55 0.68
CA ILE A 148 -10.42 19.37 2.10
C ILE A 148 -10.00 20.60 2.90
N ASP A 149 -10.77 20.87 3.94
CA ASP A 149 -10.56 22.01 4.82
C ASP A 149 -9.96 21.54 6.15
N ALA A 150 -9.78 22.47 7.08
CA ALA A 150 -9.10 22.17 8.33
C ALA A 150 -9.88 21.14 9.16
N ALA A 151 -11.19 21.28 9.20
CA ALA A 151 -12.02 20.30 9.90
C ALA A 151 -11.91 18.92 9.26
N ASP A 152 -11.92 18.86 7.93
CA ASP A 152 -11.72 17.59 7.24
C ASP A 152 -10.40 16.97 7.63
N ILE A 153 -9.33 17.78 7.62
CA ILE A 153 -8.01 17.26 7.94
C ILE A 153 -8.00 16.69 9.35
N SER A 154 -8.60 17.40 10.30
CA SER A 154 -8.66 16.90 11.67
CA SER A 154 -8.67 16.89 11.68
C SER A 154 -9.41 15.56 11.72
N ARG A 155 -10.53 15.46 11.00
CA ARG A 155 -11.32 14.24 10.99
C ARG A 155 -10.56 13.10 10.33
N ILE A 156 -9.90 13.38 9.20
CA ILE A 156 -9.17 12.33 8.49
C ILE A 156 -8.00 11.82 9.33
N LEU A 157 -7.33 12.72 10.07
CA LEU A 157 -6.28 12.27 10.99
C LEU A 157 -6.85 11.35 12.07
N ASN A 158 -8.04 11.70 12.60
CA ASN A 158 -8.69 10.80 13.55
C ASN A 158 -8.98 9.45 12.90
N ASP A 159 -9.39 9.46 11.63
CA ASP A 159 -9.68 8.20 10.95
C ASP A 159 -8.43 7.38 10.77
N TYR A 160 -7.29 8.02 10.45
CA TYR A 160 -6.05 7.26 10.36
C TYR A 160 -5.65 6.70 11.72
N GLU A 161 -5.81 7.50 12.78
CA GLU A 161 -5.50 7.01 14.12
C GLU A 161 -6.35 5.81 14.48
N ASN A 162 -7.67 5.91 14.30
CA ASN A 162 -8.58 4.82 14.63
C ASN A 162 -8.26 3.57 13.81
N ALA A 163 -7.93 3.75 12.53
CA ALA A 163 -7.63 2.61 11.68
C ALA A 163 -6.34 1.92 12.12
N ALA A 164 -5.32 2.69 12.49
CA ALA A 164 -4.07 2.09 12.95
C ALA A 164 -4.28 1.33 14.26
N ARG A 165 -5.00 1.93 15.22
CA ARG A 165 -5.30 1.21 16.46
C ARG A 165 -6.11 -0.04 16.18
N ASN A 166 -7.10 0.07 15.28
CA ASN A 166 -7.93 -1.09 14.96
C ASN A 166 -7.13 -2.20 14.30
N ALA A 167 -6.16 -1.83 13.46
CA ALA A 167 -5.31 -2.85 12.85
C ALA A 167 -4.52 -3.60 13.92
N ILE A 168 -3.95 -2.88 14.88
CA ILE A 168 -3.25 -3.53 15.98
C ILE A 168 -4.22 -4.37 16.81
N ARG A 169 -5.43 -3.87 17.06
CA ARG A 169 -6.40 -4.63 17.84
CA ARG A 169 -6.42 -4.62 17.82
C ARG A 169 -6.79 -5.92 17.13
N ALA A 170 -6.77 -5.93 15.79
CA ALA A 170 -7.08 -7.15 15.04
C ALA A 170 -5.93 -8.14 15.05
N GLY A 171 -4.77 -7.73 15.55
CA GLY A 171 -3.61 -8.60 15.62
C GLY A 171 -2.54 -8.34 14.58
N PHE A 172 -2.75 -7.40 13.67
CA PHE A 172 -1.71 -7.10 12.69
C PHE A 172 -0.41 -6.75 13.38
N ASP A 173 0.71 -7.14 12.76
CA ASP A 173 2.02 -6.87 13.30
C ASP A 173 2.43 -5.41 13.14
N GLY A 174 1.71 -4.66 12.30
CA GLY A 174 1.99 -3.26 12.07
C GLY A 174 1.09 -2.77 10.96
N VAL A 175 1.38 -1.57 10.48
CA VAL A 175 0.61 -0.98 9.40
C VAL A 175 1.57 -0.42 8.35
N GLN A 176 1.07 -0.27 7.13
CA GLN A 176 1.74 0.52 6.11
C GLN A 176 0.79 1.64 5.67
N ILE A 177 1.29 2.86 5.67
CA ILE A 177 0.46 3.98 5.22
C ILE A 177 0.52 4.02 3.70
N HIS A 178 -0.65 3.93 3.06
CA HIS A 178 -0.69 4.00 1.60
C HIS A 178 -0.56 5.47 1.23
N ALA A 179 0.65 5.89 0.86
CA ALA A 179 0.91 7.26 0.46
C ALA A 179 1.24 7.36 -1.03
N ALA A 180 0.70 6.44 -1.82
CA ALA A 180 1.11 6.22 -3.19
C ALA A 180 -0.09 6.17 -4.13
N ASN A 181 0.24 5.97 -5.40
CA ASN A 181 -0.67 5.53 -6.46
C ASN A 181 -1.82 6.51 -6.72
N GLY A 182 -1.58 7.79 -6.46
CA GLY A 182 -2.58 8.80 -6.75
C GLY A 182 -3.74 8.89 -5.79
N TYR A 183 -3.66 8.26 -4.61
CA TYR A 183 -4.71 8.36 -3.60
C TYR A 183 -4.50 9.62 -2.77
N LEU A 184 -5.19 9.76 -1.62
CA LEU A 184 -5.30 11.06 -0.96
C LEU A 184 -3.93 11.67 -0.63
N ILE A 185 -3.06 10.92 0.05
CA ILE A 185 -1.77 11.51 0.45
C ILE A 185 -0.93 11.88 -0.78
N ASP A 186 -0.88 10.99 -1.77
CA ASP A 186 -0.14 11.26 -3.00
C ASP A 186 -0.69 12.49 -3.71
N GLU A 187 -2.00 12.71 -3.64
CA GLU A 187 -2.60 13.90 -4.24
C GLU A 187 -2.10 15.19 -3.59
N PHE A 188 -1.70 15.13 -2.32
CA PHE A 188 -1.04 16.27 -1.67
C PHE A 188 0.44 16.35 -2.03
N LEU A 189 1.12 15.20 -2.12
CA LEU A 189 2.56 15.23 -2.39
C LEU A 189 2.89 15.87 -3.74
N ARG A 190 2.14 15.53 -4.79
CA ARG A 190 2.59 15.83 -6.14
C ARG A 190 2.00 17.13 -6.66
N ASN A 191 2.85 17.91 -7.35
CA ASN A 191 2.38 19.21 -7.83
C ASN A 191 1.41 19.09 -8.99
N GLY A 192 1.25 17.92 -9.60
CA GLY A 192 0.26 17.78 -10.64
C GLY A 192 -1.16 17.85 -10.11
N THR A 193 -1.37 17.44 -8.86
CA THR A 193 -2.69 17.36 -8.26
C THR A 193 -2.91 18.36 -7.13
N ASN A 194 -1.85 18.89 -6.54
CA ASN A 194 -1.95 19.78 -5.38
C ASN A 194 -1.77 21.21 -5.88
N HIS A 195 -2.88 21.95 -5.91
CA HIS A 195 -2.88 23.35 -6.31
C HIS A 195 -3.23 24.28 -5.15
N ARG A 196 -3.10 23.79 -3.93
CA ARG A 196 -3.48 24.55 -2.76
C ARG A 196 -2.58 25.77 -2.59
N THR A 197 -3.13 26.80 -1.95
CA THR A 197 -2.40 28.02 -1.64
C THR A 197 -2.19 28.20 -0.14
N ASP A 198 -2.56 27.22 0.67
CA ASP A 198 -2.36 27.29 2.12
C ASP A 198 -1.06 26.57 2.51
N GLU A 199 -0.92 26.22 3.79
CA GLU A 199 0.34 25.63 4.23
C GLU A 199 0.51 24.19 3.78
N TYR A 200 -0.47 23.63 3.09
CA TYR A 200 -0.37 22.29 2.52
C TYR A 200 -0.02 22.29 1.04
N GLY A 201 0.18 23.47 0.42
CA GLY A 201 0.46 23.53 -0.99
C GLY A 201 1.67 24.41 -1.28
N GLY A 202 2.11 24.37 -2.53
CA GLY A 202 3.24 25.18 -2.96
C GLY A 202 4.56 24.45 -2.92
N VAL A 203 5.47 24.90 -2.04
CA VAL A 203 6.82 24.37 -1.99
C VAL A 203 6.79 22.94 -1.46
N PRO A 204 7.80 22.12 -1.75
CA PRO A 204 7.79 20.72 -1.31
C PRO A 204 7.53 20.52 0.18
N GLU A 205 8.11 21.35 1.05
CA GLU A 205 7.88 21.16 2.49
C GLU A 205 6.40 21.24 2.83
N ASN A 206 5.68 22.12 2.15
CA ASN A 206 4.24 22.23 2.38
C ASN A 206 3.51 21.03 1.79
N ARG A 207 3.94 20.55 0.63
CA ARG A 207 3.26 19.41 0.01
C ARG A 207 3.49 18.13 0.79
N ILE A 208 4.59 18.05 1.54
CA ILE A 208 4.84 16.91 2.43
C ILE A 208 4.05 17.00 3.73
N ARG A 209 3.46 18.15 4.04
CA ARG A 209 2.92 18.37 5.38
C ARG A 209 1.79 17.39 5.70
N PHE A 210 0.93 17.07 4.72
CA PHE A 210 -0.16 16.14 5.00
C PHE A 210 0.36 14.76 5.32
N LEU A 211 1.32 14.26 4.52
CA LEU A 211 1.99 13.01 4.85
C LEU A 211 2.61 13.07 6.24
N LYS A 212 3.29 14.18 6.56
CA LYS A 212 3.90 14.34 7.87
C LYS A 212 2.86 14.21 8.97
N GLU A 213 1.72 14.90 8.83
CA GLU A 213 0.72 14.91 9.89
C GLU A 213 0.03 13.57 10.03
N VAL A 214 -0.24 12.89 8.91
CA VAL A 214 -0.79 11.53 8.97
C VAL A 214 0.18 10.62 9.68
N THR A 215 1.45 10.66 9.28
CA THR A 215 2.46 9.77 9.86
C THR A 215 2.63 10.06 11.35
N GLU A 216 2.70 11.33 11.72
CA GLU A 216 2.83 11.68 13.13
C GLU A 216 1.68 11.12 13.95
N ARG A 217 0.45 11.18 13.42
CA ARG A 217 -0.69 10.69 14.19
CA ARG A 217 -0.67 10.69 14.21
C ARG A 217 -0.65 9.18 14.32
N VAL A 218 -0.31 8.47 13.24
CA VAL A 218 -0.22 7.01 13.30
C VAL A 218 0.86 6.59 14.28
N ILE A 219 2.03 7.24 14.22
CA ILE A 219 3.13 6.79 15.08
C ILE A 219 2.88 7.13 16.53
N ALA A 220 2.10 8.18 16.80
CA ALA A 220 1.73 8.50 18.19
C ALA A 220 0.70 7.52 18.74
N ALA A 221 0.04 6.76 17.87
CA ALA A 221 -0.94 5.76 18.30
C ALA A 221 -0.32 4.38 18.49
N ILE A 222 0.56 3.95 17.58
CA ILE A 222 1.06 2.58 17.61
C ILE A 222 2.58 2.48 17.62
N GLY A 223 3.27 3.60 17.50
CA GLY A 223 4.72 3.57 17.51
C GLY A 223 5.33 3.63 16.11
N ALA A 224 6.37 4.46 15.93
CA ALA A 224 7.01 4.54 14.63
C ALA A 224 7.60 3.20 14.19
N ASP A 225 8.01 2.36 15.14
CA ASP A 225 8.63 1.08 14.79
C ASP A 225 7.63 0.11 14.19
N ARG A 226 6.33 0.34 14.39
CA ARG A 226 5.31 -0.50 13.79
C ARG A 226 4.67 0.14 12.56
N THR A 227 5.26 1.21 12.05
CA THR A 227 4.69 1.98 10.94
C THR A 227 5.64 1.95 9.75
N GLY A 228 5.14 1.46 8.62
CA GLY A 228 5.80 1.62 7.33
C GLY A 228 4.98 2.53 6.42
N VAL A 229 5.59 2.90 5.29
CA VAL A 229 4.95 3.78 4.32
C VAL A 229 5.25 3.24 2.93
N ARG A 230 4.29 3.36 2.01
CA ARG A 230 4.55 3.14 0.59
C ARG A 230 4.48 4.48 -0.14
N LEU A 231 5.50 4.76 -0.95
CA LEU A 231 5.50 5.86 -1.90
C LEU A 231 5.64 5.30 -3.32
N SER A 232 5.15 6.07 -4.29
CA SER A 232 5.31 5.79 -5.71
C SER A 232 5.84 7.04 -6.38
N PRO A 233 7.17 7.26 -6.37
CA PRO A 233 7.70 8.59 -6.71
C PRO A 233 7.70 8.95 -8.19
N ASN A 234 7.77 7.97 -9.09
CA ASN A 234 8.07 8.24 -10.48
C ASN A 234 7.00 7.69 -11.39
N GLY A 235 6.50 8.55 -12.28
CA GLY A 235 5.49 8.14 -13.25
C GLY A 235 4.08 8.54 -12.86
N ASP A 236 3.27 8.89 -13.84
CA ASP A 236 1.87 9.19 -13.54
C ASP A 236 1.17 7.91 -13.10
N THR A 237 0.48 7.97 -11.97
CA THR A 237 -0.48 6.93 -11.61
C THR A 237 -1.82 7.60 -11.37
N GLN A 238 -2.84 7.16 -12.12
CA GLN A 238 -4.21 7.64 -11.93
C GLN A 238 -4.30 9.15 -11.96
N GLY A 239 -3.56 9.76 -12.89
CA GLY A 239 -3.59 11.19 -13.09
C GLY A 239 -2.73 12.00 -12.15
N CYS A 240 -1.92 11.35 -11.33
CA CYS A 240 -1.10 12.02 -10.32
C CYS A 240 0.38 11.89 -10.68
N ILE A 241 1.02 13.03 -10.93
CA ILE A 241 2.45 13.06 -11.27
C ILE A 241 3.03 14.35 -10.70
N ASP A 242 4.32 14.33 -10.42
CA ASP A 242 5.06 15.52 -10.04
C ASP A 242 6.05 15.86 -11.15
N SER A 243 6.16 17.14 -11.50
CA SER A 243 7.02 17.51 -12.61
C SER A 243 8.51 17.44 -12.27
N ALA A 244 8.86 17.40 -10.99
CA ALA A 244 10.25 17.30 -10.56
C ALA A 244 10.29 16.45 -9.30
N PRO A 245 10.05 15.14 -9.45
CA PRO A 245 9.79 14.31 -8.26
C PRO A 245 10.93 14.29 -7.26
N GLU A 246 12.16 14.46 -7.72
CA GLU A 246 13.29 14.42 -6.81
C GLU A 246 13.20 15.53 -5.76
N THR A 247 12.57 16.66 -6.08
CA THR A 247 12.52 17.77 -5.15
C THR A 247 11.49 17.60 -4.03
N VAL A 248 10.59 16.63 -4.14
CA VAL A 248 9.59 16.40 -3.10
C VAL A 248 9.72 15.01 -2.48
N PHE A 249 10.03 13.99 -3.29
CA PHE A 249 10.06 12.64 -2.75
C PHE A 249 11.34 12.32 -1.98
N VAL A 250 12.47 12.95 -2.32
CA VAL A 250 13.67 12.76 -1.51
C VAL A 250 13.48 13.44 -0.14
N PRO A 251 13.02 14.70 -0.07
CA PRO A 251 12.69 15.25 1.26
C PRO A 251 11.61 14.49 2.00
N ALA A 252 10.63 13.91 1.30
CA ALA A 252 9.63 13.12 2.01
C ALA A 252 10.26 11.91 2.68
N ALA A 253 11.16 11.23 1.98
CA ALA A 253 11.82 10.06 2.55
C ALA A 253 12.69 10.43 3.73
N LYS A 254 13.40 11.56 3.64
CA LYS A 254 14.19 12.05 4.76
C LYS A 254 13.31 12.37 5.97
N LEU A 255 12.15 12.97 5.72
CA LEU A 255 11.21 13.21 6.82
C LEU A 255 10.79 11.92 7.49
N LEU A 256 10.46 10.90 6.70
CA LEU A 256 10.04 9.63 7.28
C LEU A 256 11.16 9.00 8.10
N GLN A 257 12.41 9.09 7.60
CA GLN A 257 13.56 8.65 8.38
C GLN A 257 13.63 9.37 9.72
N ASP A 258 13.52 10.71 9.70
CA ASP A 258 13.62 11.49 10.92
C ASP A 258 12.49 11.17 11.90
N LEU A 259 11.29 10.88 11.40
CA LEU A 259 10.16 10.55 12.27
C LEU A 259 10.30 9.18 12.90
N GLY A 260 11.24 8.36 12.43
CA GLY A 260 11.41 7.02 12.96
C GLY A 260 10.66 5.95 12.22
N VAL A 261 10.06 6.26 11.07
CA VAL A 261 9.34 5.25 10.29
C VAL A 261 10.21 4.04 10.08
N ALA A 262 9.64 2.85 10.32
CA ALA A 262 10.45 1.64 10.44
C ALA A 262 10.92 1.10 9.09
N TRP A 263 10.19 1.37 8.00
CA TRP A 263 10.55 0.83 6.69
C TRP A 263 9.75 1.59 5.65
N LEU A 264 10.29 1.57 4.43
CA LEU A 264 9.74 2.34 3.32
C LEU A 264 9.72 1.45 2.10
N GLU A 265 8.57 1.36 1.44
CA GLU A 265 8.43 0.63 0.20
C GLU A 265 8.22 1.61 -0.94
N LEU A 266 8.93 1.41 -2.05
CA LEU A 266 8.82 2.24 -3.24
C LEU A 266 8.32 1.40 -4.40
N ARG A 267 7.16 1.77 -4.95
CA ARG A 267 6.68 1.26 -6.22
C ARG A 267 7.32 2.12 -7.32
N GLU A 268 8.19 1.53 -8.13
CA GLU A 268 9.00 2.30 -9.07
C GLU A 268 8.77 1.81 -10.49
N LEU A 269 8.35 2.72 -11.36
CA LEU A 269 8.05 2.36 -12.74
C LEU A 269 9.26 2.60 -13.63
N GLY A 270 9.16 2.10 -14.85
CA GLY A 270 10.17 2.30 -15.87
C GLY A 270 9.53 2.49 -17.22
N PRO A 271 10.35 2.76 -18.25
CA PRO A 271 9.80 3.08 -19.57
C PRO A 271 9.16 1.90 -20.27
N ASN A 272 9.46 0.68 -19.83
CA ASN A 272 8.83 -0.52 -20.37
C ASN A 272 7.91 -1.19 -19.35
N GLY A 273 7.41 -0.43 -18.39
CA GLY A 273 6.70 -1.04 -17.27
C GLY A 273 5.45 -1.78 -17.70
N THR A 274 5.22 -2.93 -17.06
CA THR A 274 4.09 -3.79 -17.39
C THR A 274 2.88 -3.54 -16.50
N TYR A 275 2.99 -2.71 -15.46
CA TYR A 275 1.83 -2.23 -14.73
C TYR A 275 2.06 -0.74 -14.46
N GLY A 276 2.05 0.05 -15.54
CA GLY A 276 2.40 1.45 -15.47
C GLY A 276 3.79 1.72 -16.01
N LYS A 277 3.94 2.71 -16.89
CA LYS A 277 5.24 3.01 -17.48
C LYS A 277 5.46 4.52 -17.48
N THR A 278 6.74 4.90 -17.51
CA THR A 278 7.11 6.31 -17.42
C THR A 278 8.56 6.49 -17.84
N ASP A 279 8.87 7.71 -18.29
CA ASP A 279 10.24 8.15 -18.52
C ASP A 279 10.86 8.80 -17.27
N GLN A 280 10.08 9.04 -16.23
CA GLN A 280 10.66 9.58 -15.00
C GLN A 280 11.58 8.56 -14.36
N PRO A 281 12.82 8.89 -14.07
CA PRO A 281 13.75 7.88 -13.54
C PRO A 281 13.39 7.48 -12.11
N LYS A 282 13.84 6.29 -11.75
CA LYS A 282 13.64 5.80 -10.40
C LYS A 282 14.41 6.65 -9.40
N LEU A 283 13.77 6.93 -8.27
CA LEU A 283 14.39 7.74 -7.22
C LEU A 283 15.02 6.91 -6.12
N SER A 284 14.92 5.58 -6.18
CA SER A 284 15.48 4.74 -5.11
C SER A 284 16.94 5.02 -4.80
N PRO A 285 17.85 5.22 -5.77
CA PRO A 285 19.25 5.51 -5.39
C PRO A 285 19.39 6.75 -4.51
N GLN A 286 18.63 7.80 -4.81
CA GLN A 286 18.69 9.01 -3.98
C GLN A 286 17.99 8.78 -2.65
N ILE A 287 16.84 8.10 -2.66
CA ILE A 287 16.13 7.84 -1.42
C ILE A 287 16.94 6.93 -0.50
N ARG A 288 17.69 5.98 -1.09
CA ARG A 288 18.53 5.09 -0.28
C ARG A 288 19.52 5.85 0.59
N LYS A 289 19.95 7.03 0.14
CA LYS A 289 20.91 7.83 0.88
C LYS A 289 20.30 8.58 2.06
N VAL A 290 18.99 8.81 2.05
CA VAL A 290 18.34 9.59 3.10
C VAL A 290 17.46 8.74 4.00
N PHE A 291 16.94 7.62 3.52
CA PHE A 291 16.17 6.70 4.35
C PHE A 291 17.06 5.49 4.58
N LEU A 292 17.41 5.25 5.85
CA LEU A 292 18.48 4.33 6.19
C LEU A 292 17.98 3.02 6.80
N ARG A 293 16.70 2.96 7.18
CA ARG A 293 16.08 1.74 7.67
C ARG A 293 15.70 0.88 6.46
N PRO A 294 15.08 -0.30 6.65
CA PRO A 294 14.81 -1.16 5.51
C PRO A 294 14.07 -0.48 4.36
N LEU A 295 14.65 -0.60 3.16
CA LEU A 295 14.08 -0.07 1.93
C LEU A 295 13.65 -1.25 1.08
N VAL A 296 12.36 -1.31 0.77
CA VAL A 296 11.75 -2.39 0.02
C VAL A 296 11.41 -1.82 -1.34
N LEU A 297 11.92 -2.42 -2.41
CA LEU A 297 11.60 -1.94 -3.76
C LEU A 297 10.61 -2.88 -4.42
N ASN A 298 9.87 -2.33 -5.39
CA ASN A 298 8.76 -3.06 -6.01
C ASN A 298 8.55 -2.58 -7.43
N THR A 299 8.16 -3.54 -8.30
CA THR A 299 7.63 -3.42 -9.66
C THR A 299 8.56 -4.06 -10.68
N ASP A 300 8.07 -5.06 -11.40
CA ASP A 300 8.77 -5.62 -12.55
C ASP A 300 10.14 -6.19 -12.19
N TYR A 301 10.24 -6.82 -11.03
CA TYR A 301 11.46 -7.53 -10.65
C TYR A 301 11.37 -8.99 -11.04
N THR A 302 12.26 -9.43 -11.93
CA THR A 302 12.50 -10.86 -12.02
C THR A 302 13.23 -11.32 -10.76
N PHE A 303 13.20 -12.63 -10.52
CA PHE A 303 13.97 -13.19 -9.41
C PHE A 303 15.44 -12.79 -9.52
N GLU A 304 16.01 -12.89 -10.72
CA GLU A 304 17.41 -12.49 -10.91
C GLU A 304 17.63 -11.02 -10.57
N ALA A 305 16.76 -10.14 -11.05
CA ALA A 305 16.92 -8.71 -10.78
C ALA A 305 16.75 -8.42 -9.29
N ALA A 306 15.88 -9.17 -8.61
CA ALA A 306 15.70 -8.97 -7.18
C ALA A 306 16.95 -9.36 -6.41
N GLN A 307 17.59 -10.48 -6.79
CA GLN A 307 18.83 -10.89 -6.16
C GLN A 307 19.93 -9.88 -6.41
N THR A 308 20.01 -9.36 -7.64
CA THR A 308 21.01 -8.34 -7.95
C THR A 308 20.82 -7.08 -7.13
N ALA A 309 19.56 -6.66 -6.92
CA ALA A 309 19.30 -5.44 -6.17
C ALA A 309 19.82 -5.55 -4.74
N LEU A 310 19.65 -6.71 -4.11
CA LEU A 310 20.18 -6.86 -2.75
C LEU A 310 21.70 -6.99 -2.78
N ALA A 311 22.23 -7.70 -3.77
CA ALA A 311 23.67 -7.92 -3.84
C ALA A 311 24.43 -6.62 -4.08
N GLU A 312 23.84 -5.67 -4.80
CA GLU A 312 24.47 -4.39 -5.08
C GLU A 312 24.12 -3.32 -4.05
N GLY A 313 23.42 -3.70 -2.97
CA GLY A 313 23.08 -2.75 -1.93
C GLY A 313 22.05 -1.71 -2.30
N LYS A 314 21.20 -2.00 -3.28
CA LYS A 314 20.17 -1.05 -3.69
C LYS A 314 18.91 -1.14 -2.86
N ALA A 315 18.66 -2.30 -2.25
CA ALA A 315 17.44 -2.52 -1.47
C ALA A 315 17.75 -3.56 -0.42
N ASP A 316 16.96 -3.54 0.66
CA ASP A 316 17.05 -4.57 1.69
C ASP A 316 16.09 -5.73 1.47
N ALA A 317 15.02 -5.51 0.71
CA ALA A 317 14.03 -6.54 0.44
C ALA A 317 13.29 -6.12 -0.82
N ILE A 318 12.61 -7.08 -1.43
CA ILE A 318 11.85 -6.84 -2.65
C ILE A 318 10.42 -7.32 -2.42
N ALA A 319 9.44 -6.49 -2.77
CA ALA A 319 8.05 -6.89 -2.68
C ALA A 319 7.53 -7.26 -4.06
N PHE A 320 6.84 -8.40 -4.13
CA PHE A 320 6.29 -8.91 -5.37
C PHE A 320 4.78 -8.90 -5.26
N GLY A 321 4.13 -8.38 -6.29
CA GLY A 321 2.68 -8.38 -6.37
C GLY A 321 2.12 -9.49 -7.21
N ARG A 322 2.16 -9.34 -8.54
CA ARG A 322 1.52 -10.30 -9.42
C ARG A 322 2.07 -11.71 -9.24
N LYS A 323 3.37 -11.86 -8.97
CA LYS A 323 3.90 -13.20 -8.73
C LYS A 323 3.24 -13.87 -7.52
N PHE A 324 2.88 -13.10 -6.49
CA PHE A 324 2.22 -13.72 -5.34
C PHE A 324 0.75 -14.04 -5.61
N ILE A 325 0.10 -13.33 -6.54
CA ILE A 325 -1.26 -13.69 -6.91
C ILE A 325 -1.32 -15.16 -7.31
N SER A 326 -0.41 -15.57 -8.18
CA SER A 326 -0.49 -16.89 -8.81
C SER A 326 0.50 -17.90 -8.27
N ASN A 327 1.40 -17.51 -7.37
CA ASN A 327 2.36 -18.42 -6.77
C ASN A 327 2.31 -18.21 -5.27
N PRO A 328 1.37 -18.87 -4.58
CA PRO A 328 1.27 -18.66 -3.13
C PRO A 328 2.53 -19.07 -2.39
N ASP A 329 3.26 -20.03 -2.96
CA ASP A 329 4.54 -20.51 -2.43
C ASP A 329 5.73 -19.88 -3.15
N LEU A 330 5.63 -18.61 -3.50
CA LEU A 330 6.70 -17.94 -4.24
C LEU A 330 8.09 -18.12 -3.62
N PRO A 331 8.30 -17.92 -2.32
CA PRO A 331 9.66 -18.07 -1.78
C PRO A 331 10.23 -19.47 -2.00
N GLU A 332 9.37 -20.49 -1.88
CA GLU A 332 9.82 -21.86 -2.08
CA GLU A 332 9.81 -21.87 -2.08
C GLU A 332 10.14 -22.14 -3.55
N ARG A 333 9.33 -21.59 -4.46
CA ARG A 333 9.62 -21.76 -5.87
C ARG A 333 10.95 -21.12 -6.24
N PHE A 334 11.18 -19.90 -5.74
CA PHE A 334 12.48 -19.25 -5.93
C PHE A 334 13.61 -20.13 -5.43
N ALA A 335 13.50 -20.61 -4.18
CA ALA A 335 14.58 -21.37 -3.57
C ALA A 335 14.84 -22.68 -4.29
N ARG A 336 13.80 -23.30 -4.85
CA ARG A 336 13.88 -24.65 -5.41
CA ARG A 336 13.92 -24.64 -5.40
C ARG A 336 14.07 -24.65 -6.92
N GLY A 337 14.09 -23.49 -7.57
CA GLY A 337 14.26 -23.44 -9.01
C GLY A 337 13.05 -23.90 -9.79
N ILE A 338 11.85 -23.72 -9.23
CA ILE A 338 10.59 -24.16 -9.82
C ILE A 338 10.00 -23.01 -10.64
N ALA A 339 9.46 -23.33 -11.81
CA ALA A 339 8.87 -22.32 -12.68
C ALA A 339 7.65 -21.68 -12.02
N LEU A 340 7.41 -20.41 -12.37
CA LEU A 340 6.31 -19.64 -11.81
C LEU A 340 5.08 -19.75 -12.69
N GLN A 341 3.93 -19.86 -12.04
CA GLN A 341 2.63 -19.85 -12.70
C GLN A 341 2.25 -18.42 -13.08
N PRO A 342 1.76 -18.20 -14.29
CA PRO A 342 1.29 -16.85 -14.65
C PRO A 342 -0.02 -16.53 -13.97
N ASP A 343 -0.21 -15.23 -13.69
CA ASP A 343 -1.44 -14.76 -13.08
C ASP A 343 -2.46 -14.39 -14.16
N ASP A 344 -3.74 -14.59 -13.84
CA ASP A 344 -4.84 -14.28 -14.75
C ASP A 344 -5.46 -12.93 -14.35
N MET A 345 -5.19 -11.91 -15.16
CA MET A 345 -5.66 -10.57 -14.85
C MET A 345 -7.19 -10.49 -14.86
N LYS A 346 -7.88 -11.43 -15.51
CA LYS A 346 -9.33 -11.40 -15.52
C LYS A 346 -9.94 -11.61 -14.14
N THR A 347 -9.21 -12.27 -13.25
CA THR A 347 -9.71 -12.57 -11.91
C THR A 347 -8.99 -11.79 -10.81
N TRP A 348 -8.23 -10.75 -11.19
CA TRP A 348 -7.63 -9.88 -10.19
C TRP A 348 -8.68 -9.32 -9.23
N TYR A 349 -9.79 -8.84 -9.79
CA TYR A 349 -10.76 -8.06 -9.04
C TYR A 349 -12.16 -8.64 -9.08
N SER A 350 -12.31 -9.87 -9.57
CA SER A 350 -13.60 -10.53 -9.59
C SER A 350 -13.93 -11.03 -8.18
N GLN A 351 -15.05 -11.73 -8.04
CA GLN A 351 -15.46 -12.23 -6.74
C GLN A 351 -15.20 -13.74 -6.66
N GLY A 352 -15.11 -14.23 -5.43
CA GLY A 352 -15.07 -15.66 -5.20
C GLY A 352 -13.68 -16.26 -5.33
N PRO A 353 -13.60 -17.59 -5.19
CA PRO A 353 -12.29 -18.25 -5.13
C PRO A 353 -11.56 -18.37 -6.44
N GLU A 354 -12.25 -18.28 -7.58
CA GLU A 354 -11.61 -18.49 -8.88
C GLU A 354 -10.58 -17.41 -9.14
N GLY A 355 -9.35 -17.83 -9.43
CA GLY A 355 -8.27 -16.89 -9.61
C GLY A 355 -7.87 -16.16 -8.33
N TYR A 356 -8.16 -16.76 -7.18
CA TYR A 356 -7.92 -16.14 -5.88
C TYR A 356 -7.29 -17.16 -4.93
N THR A 357 -8.02 -18.22 -4.58
CA THR A 357 -7.51 -19.25 -3.70
C THR A 357 -7.25 -20.58 -4.41
N ASP A 358 -7.44 -20.64 -5.72
CA ASP A 358 -7.29 -21.89 -6.47
C ASP A 358 -6.01 -21.96 -7.30
N TYR A 359 -5.04 -21.08 -7.06
CA TYR A 359 -3.71 -21.27 -7.62
C TYR A 359 -2.94 -22.23 -6.74
N PRO A 360 -2.49 -23.37 -7.24
CA PRO A 360 -1.88 -24.38 -6.36
C PRO A 360 -0.45 -24.03 -5.99
N SER A 361 -0.01 -24.58 -4.86
CA SER A 361 1.41 -24.54 -4.57
C SER A 361 2.14 -25.67 -5.31
N ALA A 362 3.44 -25.49 -5.50
CA ALA A 362 4.26 -26.48 -6.20
C ALA A 362 5.10 -27.31 -5.23
C ACT B . -3.79 0.46 -5.54
O ACT B . -2.93 1.14 -4.96
OXT ACT B . -3.76 -0.05 -6.68
CH3 ACT B . -5.10 0.18 -4.74
C ACT C . -2.12 1.33 -9.24
O ACT C . -1.76 0.68 -8.22
OXT ACT C . -1.40 1.79 -10.16
CH3 ACT C . -3.66 1.60 -9.42
C1 GOL D . 13.29 17.42 -13.71
O1 GOL D . 13.37 18.01 -12.45
C2 GOL D . 13.55 15.93 -13.48
O2 GOL D . 12.53 15.35 -12.76
C3 GOL D . 13.69 15.33 -14.90
O3 GOL D . 14.06 13.99 -14.71
C ACT E . -5.89 15.88 -13.27
O ACT E . -6.22 16.67 -12.34
OXT ACT E . -5.37 14.73 -13.19
CH3 ACT E . -6.17 16.39 -14.72
C1 GOL F . -19.28 18.24 2.40
O1 GOL F . -18.85 19.45 1.81
C2 GOL F . -20.28 17.60 1.40
O2 GOL F . -20.29 18.22 0.17
C3 GOL F . -19.96 16.06 1.35
O3 GOL F . -20.45 15.54 0.10
N1 FMN G . -0.68 -1.26 -4.67
C2 FMN G . -1.06 -0.75 -3.45
O2 FMN G . -0.32 0.06 -2.89
N3 FMN G . -2.23 -1.14 -2.84
C4 FMN G . -3.07 -2.03 -3.43
O4 FMN G . -4.12 -2.36 -2.85
C4A FMN G . -2.72 -2.55 -4.67
N5 FMN G . -3.55 -3.44 -5.30
C5A FMN G . -3.17 -3.98 -6.50
C6 FMN G . -4.00 -4.92 -7.10
C7 FMN G . -3.63 -5.47 -8.32
C7M FMN G . -4.56 -6.47 -8.94
C8 FMN G . -2.43 -5.12 -8.91
C8M FMN G . -2.03 -5.72 -10.23
C9 FMN G . -1.60 -4.18 -8.31
C9A FMN G . -1.96 -3.63 -7.10
N10 FMN G . -1.15 -2.68 -6.49
C10 FMN G . -1.52 -2.17 -5.27
C1' FMN G . 0.20 -2.35 -7.03
C2' FMN G . 1.06 -3.55 -6.54
O2' FMN G . 1.28 -3.60 -5.12
C3' FMN G . 2.43 -3.60 -7.21
O3' FMN G . 3.03 -2.32 -7.07
C4' FMN G . 2.35 -3.96 -8.69
O4' FMN G . 1.64 -5.18 -8.82
C5' FMN G . 3.74 -4.08 -9.37
O5' FMN G . 4.55 -5.03 -8.69
P FMN G . 4.81 -6.45 -9.38
O1P FMN G . 5.62 -7.25 -8.38
O2P FMN G . 5.53 -6.26 -10.70
O3P FMN G . 3.44 -7.07 -9.64
#